data_5SL8
#
_entry.id   5SL8
#
_cell.length_a   67.708
_cell.length_b   68.447
_cell.length_c   138.317
_cell.angle_alpha   90.000
_cell.angle_beta   90.000
_cell.angle_gamma   90.000
#
_symmetry.space_group_name_H-M   'P 21 21 21'
#
loop_
_entity.id
_entity.type
_entity.pdbx_description
1 polymer 'Proofreading exoribonuclease nsp14'
2 non-polymer 'ZINC ION'
3 non-polymer 'PHOSPHATE ION'
4 non-polymer N,N-dimethylpyridin-4-amine
5 water water
#
_entity_poly.entity_id   1
_entity_poly.type   'polypeptide(L)'
_entity_poly.pdbx_seq_one_letter_code
;SMLFKDCSKVITGLHPTQAPTHLSVDTKFKTEGLCVDIPGIPKDMTYRRLISMMGFKMNYQVNGYPNMFITREEAIRHVR
AWIGFDVEGCHATREAVGTNLPLQLGFSTGVNLVAVPTGYVDTPNNTDFSRVSAKPPPGDQFKHLIPLMYKGLPWNVVRI
KIVQMLSDTLKNLSDRVVFVLWAHGFELTSMKYFVKIGPERTCCLCDRRATCFSTASDTYACWHHSIGFDYVYNPFMIDV
QQWGFTGNLQSNHDLYCQVHGNAHVASCDAIMTRCLAVHECFVKRVDWTIEYPIIGDELKINAACRKVQHMVVKAALLAD
KFPVLHDIGNPKAIKCVPQADVEWKFYDAQPCSDKAYKIEELFYSYATHSDKFTDGVCLFWNCNVDRYPANSIVCRFDTR
VLSNLNLPGCDGGSLYVNKHAFHTPAFDKSAFVNLKQLPFFYYSDSPCESHGKQVVSDIDYVPLKSATCITRCNLGGAVC
RHHANEYRLYLDAYNMMISAGFSLWVYKQFDTYNLWNTFTRLQ
;
_entity_poly.pdbx_strand_id   D
#
loop_
_chem_comp.id
_chem_comp.type
_chem_comp.name
_chem_comp.formula
JGD non-polymer N,N-dimethylpyridin-4-amine 'C7 H10 N2'
PO4 non-polymer 'PHOSPHATE ION' 'O4 P -3'
ZN non-polymer 'ZINC ION' 'Zn 2'
#
# COMPACT_ATOMS: atom_id res chain seq x y z
N PRO A 20 12.74 -16.12 -19.26
CA PRO A 20 13.18 -14.83 -18.71
C PRO A 20 12.48 -14.50 -17.39
N THR A 21 12.95 -15.10 -16.30
CA THR A 21 12.36 -14.87 -14.98
C THR A 21 13.21 -13.89 -14.17
N HIS A 22 14.52 -14.10 -14.15
CA HIS A 22 15.42 -13.23 -13.38
C HIS A 22 16.26 -12.31 -14.29
N LEU A 23 16.95 -11.31 -13.70
CA LEU A 23 17.79 -10.39 -14.44
C LEU A 23 19.12 -11.07 -14.67
N SER A 24 19.52 -11.24 -15.97
CA SER A 24 20.79 -11.88 -16.29
C SER A 24 21.94 -11.10 -15.71
N VAL A 25 22.90 -11.78 -15.06
CA VAL A 25 24.09 -11.08 -14.56
C VAL A 25 24.91 -10.49 -15.71
N ASP A 26 24.73 -11.00 -16.96
CA ASP A 26 25.45 -10.50 -18.13
C ASP A 26 24.81 -9.26 -18.77
N THR A 27 23.68 -8.76 -18.22
CA THR A 27 23.02 -7.53 -18.67
C THR A 27 23.97 -6.35 -18.39
N LYS A 28 23.96 -5.35 -19.27
CA LYS A 28 24.80 -4.18 -19.12
C LYS A 28 24.21 -3.25 -18.06
N PHE A 29 25.09 -2.59 -17.33
CA PHE A 29 24.73 -1.66 -16.27
C PHE A 29 25.37 -0.33 -16.64
N LYS A 30 24.55 0.73 -16.83
CA LYS A 30 25.08 2.05 -17.17
C LYS A 30 25.76 2.62 -15.93
N THR A 31 27.03 2.96 -16.02
CA THR A 31 27.82 3.41 -14.88
C THR A 31 28.04 4.90 -14.81
N GLU A 32 27.43 5.68 -15.70
CA GLU A 32 27.59 7.14 -15.69
C GLU A 32 27.23 7.79 -14.33
N GLY A 33 26.18 7.29 -13.69
CA GLY A 33 25.74 7.75 -12.38
C GLY A 33 26.66 7.42 -11.22
N LEU A 34 27.62 6.51 -11.42
CA LEU A 34 28.59 6.06 -10.41
C LEU A 34 29.96 6.74 -10.53
N CYS A 35 30.24 7.45 -11.64
CA CYS A 35 31.61 7.95 -11.88
C CYS A 35 32.06 9.15 -11.02
N VAL A 36 31.20 9.78 -10.21
CA VAL A 36 31.65 10.87 -9.32
C VAL A 36 32.22 10.24 -8.03
N ASP A 37 31.51 9.24 -7.46
CA ASP A 37 32.02 8.49 -6.31
C ASP A 37 33.09 7.48 -6.71
N ILE A 38 33.01 6.96 -7.97
CA ILE A 38 33.95 5.98 -8.51
C ILE A 38 34.57 6.47 -9.81
N PRO A 39 35.51 7.44 -9.71
CA PRO A 39 36.15 7.94 -10.93
C PRO A 39 36.98 6.89 -11.66
N GLY A 40 36.86 6.89 -12.98
CA GLY A 40 37.56 5.95 -13.83
C GLY A 40 36.78 4.67 -14.08
N ILE A 41 35.53 4.58 -13.57
CA ILE A 41 34.72 3.37 -13.74
C ILE A 41 34.52 3.05 -15.23
N PRO A 42 34.69 1.77 -15.62
CA PRO A 42 34.51 1.41 -17.03
C PRO A 42 33.10 1.71 -17.50
N LYS A 43 32.98 2.22 -18.71
CA LYS A 43 31.68 2.49 -19.30
C LYS A 43 30.97 1.16 -19.59
N ASP A 44 31.73 0.17 -20.04
CA ASP A 44 31.27 -1.17 -20.35
C ASP A 44 31.25 -1.91 -19.04
N MET A 45 30.06 -2.32 -18.57
CA MET A 45 29.94 -2.98 -17.28
C MET A 45 28.72 -3.90 -17.25
N THR A 46 28.86 -5.07 -16.65
CA THR A 46 27.72 -6.00 -16.46
C THR A 46 27.40 -6.07 -14.97
N TYR A 47 26.26 -6.69 -14.61
CA TYR A 47 25.94 -6.92 -13.22
C TYR A 47 26.99 -7.85 -12.59
N ARG A 48 27.48 -8.84 -13.36
CA ARG A 48 28.50 -9.82 -12.96
C ARG A 48 29.74 -9.10 -12.44
N ARG A 49 30.25 -8.13 -13.23
CA ARG A 49 31.41 -7.36 -12.84
C ARG A 49 31.14 -6.37 -11.71
N LEU A 50 29.96 -5.73 -11.71
CA LEU A 50 29.54 -4.78 -10.67
C LEU A 50 29.45 -5.48 -9.31
N ILE A 51 28.83 -6.66 -9.26
CA ILE A 51 28.70 -7.44 -8.02
C ILE A 51 30.10 -7.79 -7.46
N SER A 52 31.00 -8.21 -8.35
CA SER A 52 32.39 -8.53 -8.02
C SER A 52 33.14 -7.30 -7.43
N MET A 53 32.92 -6.12 -8.03
CA MET A 53 33.49 -4.84 -7.63
C MET A 53 32.92 -4.41 -6.25
N MET A 54 31.68 -4.83 -5.94
CA MET A 54 31.09 -4.53 -4.64
C MET A 54 31.63 -5.45 -3.51
N GLY A 55 32.54 -6.38 -3.84
CA GLY A 55 33.13 -7.32 -2.88
C GLY A 55 32.39 -8.63 -2.68
N PHE A 56 31.46 -8.98 -3.57
CA PHE A 56 30.71 -10.24 -3.45
C PHE A 56 31.13 -11.27 -4.48
N LYS A 57 31.18 -12.55 -4.08
CA LYS A 57 31.53 -13.63 -5.02
C LYS A 57 30.33 -14.55 -5.18
N MET A 58 29.88 -14.78 -6.43
CA MET A 58 28.70 -15.62 -6.65
C MET A 58 29.03 -17.11 -6.97
N ASN A 59 30.33 -17.44 -7.17
CA ASN A 59 30.86 -18.81 -7.38
C ASN A 59 30.10 -19.75 -8.38
N TYR A 60 29.40 -19.22 -9.42
CA TYR A 60 28.57 -20.00 -10.38
C TYR A 60 27.55 -20.84 -9.59
N GLN A 61 26.75 -20.17 -8.75
CA GLN A 61 25.82 -20.87 -7.88
C GLN A 61 24.36 -20.90 -8.40
N VAL A 62 23.85 -22.12 -8.66
CA VAL A 62 22.46 -22.32 -9.08
C VAL A 62 21.64 -22.70 -7.85
N ASN A 63 21.56 -21.78 -6.87
CA ASN A 63 20.83 -22.08 -5.64
C ASN A 63 19.80 -21.01 -5.27
N GLY A 64 18.96 -20.65 -6.23
CA GLY A 64 17.84 -19.71 -6.03
C GLY A 64 18.16 -18.23 -5.96
N TYR A 65 19.43 -17.86 -5.95
CA TYR A 65 19.82 -16.45 -5.88
C TYR A 65 20.72 -16.14 -7.08
N PRO A 66 20.15 -15.96 -8.30
CA PRO A 66 21.00 -15.75 -9.48
C PRO A 66 21.66 -14.38 -9.60
N ASN A 67 21.05 -13.35 -9.02
CA ASN A 67 21.58 -12.00 -9.11
C ASN A 67 21.11 -11.18 -7.88
N MET A 68 21.97 -10.27 -7.37
CA MET A 68 21.56 -9.40 -6.26
C MET A 68 20.52 -8.36 -6.78
N PHE A 69 20.63 -7.96 -8.07
CA PHE A 69 19.76 -7.02 -8.76
C PHE A 69 18.62 -7.75 -9.46
N ILE A 70 17.48 -7.09 -9.54
CA ILE A 70 16.28 -7.68 -10.10
C ILE A 70 15.65 -6.78 -11.16
N THR A 71 14.76 -7.35 -12.00
CA THR A 71 14.05 -6.63 -13.05
C THR A 71 12.96 -5.72 -12.43
N ARG A 72 12.46 -4.77 -13.22
CA ARG A 72 11.37 -3.87 -12.83
C ARG A 72 10.11 -4.70 -12.54
N GLU A 73 9.84 -5.74 -13.33
CA GLU A 73 8.70 -6.63 -13.16
C GLU A 73 8.80 -7.44 -11.86
N GLU A 74 10.00 -7.95 -11.52
CA GLU A 74 10.17 -8.65 -10.24
C GLU A 74 10.07 -7.66 -9.08
N ALA A 75 10.54 -6.40 -9.27
CA ALA A 75 10.43 -5.39 -8.22
C ALA A 75 8.95 -5.05 -7.95
N ILE A 76 8.14 -4.95 -9.01
CA ILE A 76 6.72 -4.62 -8.90
C ILE A 76 5.99 -5.74 -8.13
N ARG A 77 6.34 -7.00 -8.42
CA ARG A 77 5.74 -8.12 -7.68
C ARG A 77 6.12 -8.08 -6.20
N HIS A 78 7.27 -7.46 -5.85
CA HIS A 78 7.74 -7.42 -4.47
C HIS A 78 7.75 -6.00 -3.91
N VAL A 79 6.78 -5.16 -4.31
CA VAL A 79 6.65 -3.78 -3.84
C VAL A 79 6.61 -3.66 -2.32
N ARG A 80 6.02 -4.64 -1.60
CA ARG A 80 5.97 -4.63 -0.15
C ARG A 80 7.36 -4.68 0.51
N ALA A 81 8.36 -5.20 -0.24
CA ALA A 81 9.73 -5.32 0.21
C ALA A 81 10.56 -4.06 -0.03
N TRP A 82 10.03 -3.05 -0.76
CA TRP A 82 10.82 -1.88 -1.11
C TRP A 82 11.27 -1.02 0.03
N ILE A 83 12.58 -0.76 0.08
CA ILE A 83 13.17 0.11 1.07
C ILE A 83 14.13 0.95 0.31
N GLY A 84 13.81 2.22 0.17
CA GLY A 84 14.70 3.18 -0.45
C GLY A 84 15.96 3.30 0.37
N PHE A 85 17.11 3.33 -0.31
CA PHE A 85 18.37 3.36 0.40
C PHE A 85 19.38 4.26 -0.28
N ASP A 86 19.99 5.15 0.50
CA ASP A 86 20.97 6.08 -0.01
C ASP A 86 22.13 6.21 0.95
N VAL A 87 23.36 6.43 0.43
CA VAL A 87 24.52 6.64 1.28
C VAL A 87 25.19 7.92 0.84
N GLU A 88 25.45 8.82 1.79
CA GLU A 88 26.13 10.07 1.49
C GLU A 88 27.45 10.15 2.25
N GLY A 89 28.49 10.62 1.58
CA GLY A 89 29.78 10.82 2.22
C GLY A 89 29.68 11.97 3.21
N CYS A 90 29.93 11.70 4.50
CA CYS A 90 29.89 12.73 5.53
C CYS A 90 31.14 13.60 5.41
N HIS A 91 32.30 12.99 5.13
CA HIS A 91 33.53 13.73 4.96
C HIS A 91 34.28 13.31 3.68
N GLY A 98 34.29 6.30 2.13
CA GLY A 98 35.45 6.05 1.27
C GLY A 98 36.66 5.57 2.03
N THR A 99 36.43 4.65 3.02
CA THR A 99 37.39 4.01 3.94
C THR A 99 37.97 4.99 4.97
N ASN A 100 38.21 6.25 4.56
CA ASN A 100 38.77 7.25 5.47
C ASN A 100 37.70 8.13 6.13
N LEU A 101 36.53 8.27 5.49
CA LEU A 101 35.47 9.17 5.94
C LEU A 101 34.20 8.48 6.44
N PRO A 102 33.48 9.11 7.38
CA PRO A 102 32.21 8.52 7.84
C PRO A 102 31.12 8.59 6.77
N LEU A 103 30.19 7.63 6.78
CA LEU A 103 29.12 7.58 5.81
C LEU A 103 27.76 7.71 6.49
N GLN A 104 26.85 8.49 5.90
CA GLN A 104 25.50 8.63 6.42
C GLN A 104 24.60 7.69 5.60
N LEU A 105 24.03 6.68 6.26
CA LEU A 105 23.18 5.66 5.65
C LEU A 105 21.74 6.09 5.87
N GLY A 106 20.99 6.30 4.80
CA GLY A 106 19.61 6.73 4.90
C GLY A 106 18.67 5.70 4.32
N PHE A 107 17.55 5.49 4.99
CA PHE A 107 16.53 4.52 4.59
C PHE A 107 15.18 5.22 4.46
N SER A 108 14.31 4.69 3.57
CA SER A 108 13.00 5.32 3.37
C SER A 108 12.06 5.18 4.61
N THR A 109 12.50 4.46 5.66
CA THR A 109 11.83 4.43 6.96
C THR A 109 12.03 5.80 7.71
N GLY A 110 12.87 6.69 7.17
CA GLY A 110 13.20 7.96 7.78
C GLY A 110 14.46 7.91 8.63
N VAL A 111 15.08 6.73 8.75
CA VAL A 111 16.27 6.56 9.58
C VAL A 111 17.60 6.95 8.90
N ASN A 112 18.46 7.68 9.64
CA ASN A 112 19.81 8.01 9.21
C ASN A 112 20.80 7.47 10.24
N LEU A 113 21.68 6.55 9.80
CA LEU A 113 22.72 5.99 10.65
C LEU A 113 24.07 6.50 10.18
N VAL A 114 24.98 6.83 11.11
CA VAL A 114 26.33 7.22 10.72
C VAL A 114 27.31 6.11 11.04
N ALA A 115 27.97 5.57 9.99
CA ALA A 115 28.96 4.51 10.12
C ALA A 115 30.36 5.10 10.00
N VAL A 116 31.21 4.84 11.01
CA VAL A 116 32.61 5.27 11.00
C VAL A 116 33.51 4.05 10.77
N PRO A 117 34.61 4.21 10.02
CA PRO A 117 35.49 3.05 9.75
C PRO A 117 36.58 2.80 10.79
N THR A 118 36.61 3.60 11.88
CA THR A 118 37.58 3.58 12.99
C THR A 118 38.19 2.21 13.30
N PRO A 147 13.27 11.33 9.76
CA PRO A 147 14.30 12.31 10.09
C PRO A 147 15.05 11.97 11.38
N LEU A 148 15.17 10.66 11.70
CA LEU A 148 15.87 10.25 12.92
C LEU A 148 17.37 10.19 12.66
N MET A 149 18.14 11.12 13.26
CA MET A 149 19.59 11.24 13.08
C MET A 149 20.38 10.57 14.21
N TYR A 150 21.28 9.62 13.87
CA TYR A 150 22.08 8.95 14.89
C TYR A 150 23.56 9.28 14.73
N LYS A 151 24.28 9.52 15.84
CA LYS A 151 25.72 9.84 15.81
C LYS A 151 26.57 8.65 15.36
N GLY A 152 27.77 8.94 14.83
CA GLY A 152 28.73 7.99 14.28
C GLY A 152 29.13 6.80 15.13
N LEU A 153 29.02 5.60 14.58
CA LEU A 153 29.35 4.37 15.29
C LEU A 153 30.00 3.38 14.34
N PRO A 154 30.85 2.47 14.83
CA PRO A 154 31.48 1.50 13.91
C PRO A 154 30.47 0.54 13.28
N TRP A 155 30.83 -0.01 12.12
CA TRP A 155 30.02 -0.92 11.33
C TRP A 155 29.47 -2.13 12.06
N ASN A 156 30.25 -2.70 13.01
CA ASN A 156 29.84 -3.88 13.79
C ASN A 156 28.57 -3.63 14.61
N VAL A 157 28.32 -2.36 15.00
CA VAL A 157 27.07 -2.06 15.72
C VAL A 157 26.02 -1.54 14.72
N VAL A 158 26.42 -0.73 13.72
CA VAL A 158 25.52 -0.21 12.69
C VAL A 158 24.72 -1.36 12.00
N ARG A 159 25.41 -2.45 11.66
CA ARG A 159 24.79 -3.61 11.02
C ARG A 159 23.72 -4.28 11.90
N ILE A 160 23.91 -4.28 13.23
CA ILE A 160 22.93 -4.82 14.17
C ILE A 160 21.64 -3.97 14.07
N LYS A 161 21.81 -2.63 14.04
CA LYS A 161 20.69 -1.68 13.92
C LYS A 161 19.95 -1.87 12.58
N ILE A 162 20.69 -2.11 11.47
CA ILE A 162 20.11 -2.32 10.15
C ILE A 162 19.21 -3.55 10.13
N VAL A 163 19.68 -4.67 10.66
CA VAL A 163 18.86 -5.89 10.74
C VAL A 163 17.58 -5.66 11.57
N GLN A 164 17.69 -4.98 12.72
CA GLN A 164 16.52 -4.73 13.59
C GLN A 164 15.49 -3.86 12.84
N MET A 165 15.95 -2.79 12.21
CA MET A 165 15.08 -1.85 11.53
C MET A 165 14.32 -2.51 10.36
N LEU A 166 15.06 -3.26 9.52
CA LEU A 166 14.46 -3.96 8.38
C LEU A 166 13.51 -5.07 8.83
N SER A 167 13.86 -5.78 9.93
CA SER A 167 13.03 -6.87 10.42
C SER A 167 11.71 -6.37 10.96
N ASP A 168 11.74 -5.24 11.72
CA ASP A 168 10.53 -4.66 12.27
C ASP A 168 9.67 -4.02 11.20
N THR A 169 10.30 -3.43 10.17
CA THR A 169 9.54 -2.80 9.10
C THR A 169 8.92 -3.86 8.19
N LEU A 170 9.63 -4.96 7.94
CA LEU A 170 9.20 -5.91 6.92
C LEU A 170 8.56 -7.22 7.34
N LYS A 171 8.68 -7.66 8.60
CA LYS A 171 8.17 -8.99 8.98
C LYS A 171 6.69 -9.24 8.62
N ASN A 172 5.84 -8.22 8.73
CA ASN A 172 4.42 -8.36 8.39
C ASN A 172 4.08 -7.88 6.95
N LEU A 173 5.11 -7.60 6.13
CA LEU A 173 4.90 -7.14 4.77
C LEU A 173 5.38 -8.12 3.72
N SER A 174 6.57 -8.70 3.92
CA SER A 174 7.18 -9.49 2.86
C SER A 174 8.22 -10.52 3.36
N ASP A 175 8.58 -11.48 2.50
CA ASP A 175 9.61 -12.48 2.78
C ASP A 175 11.02 -12.01 2.37
N ARG A 176 11.18 -10.75 1.94
CA ARG A 176 12.46 -10.25 1.49
C ARG A 176 12.57 -8.72 1.68
N VAL A 177 13.72 -8.15 1.27
CA VAL A 177 13.98 -6.71 1.17
C VAL A 177 14.41 -6.46 -0.25
N VAL A 178 13.98 -5.33 -0.83
CA VAL A 178 14.41 -4.85 -2.15
C VAL A 178 14.93 -3.43 -1.91
N PHE A 179 16.25 -3.22 -1.97
CA PHE A 179 16.81 -1.88 -1.77
C PHE A 179 16.60 -1.10 -3.05
N VAL A 180 15.83 -0.02 -2.96
CA VAL A 180 15.53 0.82 -4.09
C VAL A 180 16.59 1.93 -4.10
N LEU A 181 17.38 1.99 -5.17
CA LEU A 181 18.49 2.92 -5.27
C LEU A 181 18.38 3.94 -6.41
N TRP A 182 19.09 5.06 -6.25
CA TRP A 182 19.39 6.04 -7.27
C TRP A 182 20.93 6.05 -7.14
N ALA A 183 21.52 4.95 -7.64
CA ALA A 183 22.91 4.60 -7.43
C ALA A 183 23.96 5.59 -7.92
N HIS A 184 24.78 6.07 -6.98
CA HIS A 184 25.92 6.94 -7.28
C HIS A 184 27.29 6.33 -6.88
N GLY A 185 27.29 5.20 -6.19
CA GLY A 185 28.54 4.52 -5.84
C GLY A 185 28.71 4.10 -4.39
N PHE A 186 28.68 5.07 -3.45
CA PHE A 186 28.88 4.75 -2.03
C PHE A 186 27.84 3.76 -1.45
N GLU A 187 26.58 3.76 -1.95
CA GLU A 187 25.59 2.81 -1.41
C GLU A 187 25.97 1.38 -1.80
N LEU A 188 26.44 1.18 -3.02
CA LEU A 188 26.84 -0.12 -3.53
C LEU A 188 28.09 -0.63 -2.84
N THR A 189 29.11 0.23 -2.68
CA THR A 189 30.35 -0.16 -2.03
C THR A 189 30.24 -0.26 -0.49
N SER A 190 29.15 0.20 0.10
CA SER A 190 28.97 0.07 1.55
C SER A 190 28.22 -1.24 1.90
N MET A 191 27.60 -1.91 0.92
CA MET A 191 26.86 -3.13 1.16
C MET A 191 27.68 -4.29 1.75
N LYS A 192 28.96 -4.44 1.35
CA LYS A 192 29.80 -5.49 1.91
C LYS A 192 29.94 -5.42 3.45
N TYR A 193 29.64 -4.25 4.04
CA TYR A 193 29.75 -4.08 5.48
C TYR A 193 28.56 -4.57 6.27
N PHE A 194 27.43 -4.87 5.62
CA PHE A 194 26.24 -5.32 6.34
C PHE A 194 25.45 -6.41 5.63
N VAL A 195 25.89 -6.85 4.44
CA VAL A 195 25.21 -7.85 3.64
C VAL A 195 26.11 -9.09 3.46
N LYS A 196 25.52 -10.28 3.61
CA LYS A 196 26.15 -11.56 3.30
C LYS A 196 25.22 -12.23 2.25
N ILE A 197 25.80 -12.92 1.28
CA ILE A 197 25.03 -13.60 0.25
C ILE A 197 25.43 -15.11 0.17
N GLY A 198 24.64 -15.89 -0.55
CA GLY A 198 24.90 -17.29 -0.73
C GLY A 198 23.67 -18.00 -1.24
N PRO A 199 23.59 -19.31 -0.98
CA PRO A 199 22.41 -20.06 -1.43
C PRO A 199 21.15 -19.66 -0.68
N GLU A 200 19.99 -19.84 -1.31
CA GLU A 200 18.72 -19.56 -0.68
C GLU A 200 18.56 -20.54 0.49
N ARG A 201 18.18 -20.02 1.64
CA ARG A 201 18.09 -20.82 2.85
C ARG A 201 16.77 -20.63 3.57
N THR A 202 16.47 -21.51 4.53
CA THR A 202 15.28 -21.35 5.34
C THR A 202 15.69 -20.90 6.75
N CYS A 203 14.74 -20.31 7.48
CA CYS A 203 14.94 -19.83 8.84
C CYS A 203 15.26 -21.00 9.80
N CYS A 204 16.06 -20.73 10.85
CA CYS A 204 16.41 -21.75 11.84
C CYS A 204 15.26 -22.08 12.80
N LEU A 205 14.27 -21.17 12.95
CA LEU A 205 13.14 -21.35 13.84
C LEU A 205 11.80 -21.58 13.10
N CYS A 206 11.76 -21.45 11.77
CA CYS A 206 10.52 -21.67 11.00
C CYS A 206 10.77 -22.02 9.50
N ASP A 207 9.70 -22.13 8.70
CA ASP A 207 9.79 -22.53 7.29
C ASP A 207 9.96 -21.39 6.30
N ARG A 208 9.98 -20.12 6.77
CA ARG A 208 10.16 -18.99 5.87
C ARG A 208 11.59 -18.91 5.33
N ARG A 209 11.79 -18.21 4.18
CA ARG A 209 13.14 -18.05 3.66
C ARG A 209 13.94 -17.12 4.58
N ALA A 210 15.23 -17.39 4.68
CA ALA A 210 16.15 -16.62 5.51
C ALA A 210 16.42 -15.24 4.89
N THR A 211 16.34 -14.21 5.70
CA THR A 211 16.65 -12.85 5.29
C THR A 211 17.80 -12.24 6.09
N CYS A 212 18.26 -12.91 7.15
CA CYS A 212 19.29 -12.45 8.08
C CYS A 212 20.26 -13.59 8.41
N PHE A 213 21.45 -13.24 8.87
CA PHE A 213 22.47 -14.19 9.28
C PHE A 213 23.13 -13.66 10.57
N SER A 214 23.55 -14.58 11.44
CA SER A 214 24.23 -14.21 12.66
C SER A 214 25.65 -14.77 12.71
N THR A 215 26.69 -13.90 12.83
CA THR A 215 28.06 -14.39 12.99
C THR A 215 28.31 -14.93 14.40
N ALA A 216 27.48 -14.59 15.39
CA ALA A 216 27.63 -15.09 16.75
C ALA A 216 27.24 -16.57 16.81
N SER A 217 26.08 -16.93 16.21
CA SER A 217 25.60 -18.31 16.23
C SER A 217 25.85 -19.13 14.95
N ASP A 218 26.31 -18.51 13.85
CA ASP A 218 26.47 -19.22 12.57
C ASP A 218 25.09 -19.78 12.07
N THR A 219 23.98 -19.08 12.37
CA THR A 219 22.64 -19.50 11.96
C THR A 219 21.94 -18.43 11.08
N TYR A 220 20.80 -18.81 10.48
CA TYR A 220 20.02 -17.98 9.59
C TYR A 220 18.61 -17.80 10.11
N ALA A 221 18.01 -16.66 9.79
CA ALA A 221 16.66 -16.37 10.25
C ALA A 221 15.87 -15.49 9.30
N CYS A 222 14.52 -15.60 9.36
CA CYS A 222 13.61 -14.74 8.61
C CYS A 222 13.46 -13.37 9.40
N TRP A 223 12.58 -12.44 8.94
CA TRP A 223 12.40 -11.18 9.63
C TRP A 223 11.78 -11.38 11.03
N HIS A 224 10.93 -12.44 11.21
CA HIS A 224 10.26 -12.70 12.50
C HIS A 224 11.18 -13.25 13.59
N HIS A 225 12.33 -13.88 13.23
CA HIS A 225 13.19 -14.57 14.21
C HIS A 225 14.62 -14.08 14.29
N SER A 226 14.86 -12.87 13.79
CA SER A 226 16.21 -12.32 13.67
C SER A 226 16.72 -11.44 14.80
N ILE A 227 16.15 -11.51 16.00
CA ILE A 227 16.60 -10.67 17.12
C ILE A 227 18.05 -10.98 17.47
N GLY A 228 18.90 -9.96 17.48
CA GLY A 228 20.32 -10.15 17.73
C GLY A 228 21.14 -10.53 16.51
N PHE A 229 20.49 -10.69 15.32
CA PHE A 229 21.24 -11.03 14.10
C PHE A 229 21.96 -9.78 13.58
N ASP A 230 23.12 -9.97 12.94
CA ASP A 230 23.94 -8.83 12.51
C ASP A 230 24.11 -8.66 11.00
N TYR A 231 23.69 -9.62 10.16
CA TYR A 231 23.87 -9.45 8.70
C TYR A 231 22.60 -9.61 7.88
N VAL A 232 22.40 -8.75 6.89
CA VAL A 232 21.27 -8.86 5.98
C VAL A 232 21.69 -9.96 4.99
N TYR A 233 20.87 -10.97 4.84
CA TYR A 233 21.19 -12.12 4.02
C TYR A 233 20.36 -12.19 2.76
N ASN A 234 21.05 -12.30 1.60
CA ASN A 234 20.41 -12.38 0.29
C ASN A 234 19.39 -11.27 0.03
N PRO A 235 19.77 -9.99 0.22
CA PRO A 235 18.86 -8.91 -0.13
C PRO A 235 18.77 -8.78 -1.65
N PHE A 236 17.75 -8.04 -2.11
CA PHE A 236 17.60 -7.72 -3.52
C PHE A 236 17.70 -6.20 -3.66
N MET A 237 17.97 -5.73 -4.86
CA MET A 237 18.14 -4.31 -5.12
C MET A 237 17.87 -3.99 -6.57
N ILE A 238 17.50 -2.74 -6.81
CA ILE A 238 17.20 -2.24 -8.14
C ILE A 238 17.66 -0.80 -8.22
N ASP A 239 18.34 -0.46 -9.32
CA ASP A 239 18.82 0.90 -9.51
C ASP A 239 17.90 1.61 -10.47
N VAL A 240 17.09 2.55 -9.94
CA VAL A 240 16.13 3.38 -10.65
C VAL A 240 16.81 4.16 -11.78
N GLN A 241 18.07 4.54 -11.57
CA GLN A 241 18.86 5.21 -12.57
C GLN A 241 19.04 4.37 -13.85
N GLN A 242 18.91 3.03 -13.79
CA GLN A 242 18.99 2.22 -15.01
C GLN A 242 17.77 2.36 -15.92
N TRP A 243 16.72 3.04 -15.49
CA TRP A 243 15.48 3.14 -16.25
C TRP A 243 15.45 4.24 -17.32
N GLY A 244 16.52 5.00 -17.46
CA GLY A 244 16.60 6.05 -18.47
C GLY A 244 15.91 7.33 -18.08
N PHE A 245 16.59 8.16 -17.30
CA PHE A 245 16.09 9.44 -16.82
C PHE A 245 17.11 10.51 -17.18
N THR A 246 16.64 11.74 -17.36
CA THR A 246 17.49 12.88 -17.63
C THR A 246 17.50 13.72 -16.37
N GLY A 247 18.67 14.07 -15.90
CA GLY A 247 18.79 14.90 -14.70
C GLY A 247 18.81 14.10 -13.41
N ASN A 248 19.06 14.80 -12.31
CA ASN A 248 19.22 14.20 -11.02
C ASN A 248 17.90 13.69 -10.37
N LEU A 249 18.03 13.04 -9.21
CA LEU A 249 16.92 12.51 -8.41
C LEU A 249 15.87 13.55 -8.08
N GLN A 250 16.28 14.70 -7.50
CA GLN A 250 15.31 15.71 -7.10
C GLN A 250 14.49 16.26 -8.27
N SER A 251 15.11 16.53 -9.42
CA SER A 251 14.38 17.06 -10.58
C SER A 251 13.35 16.08 -11.14
N ASN A 252 13.62 14.78 -11.07
CA ASN A 252 12.69 13.78 -11.55
C ASN A 252 11.58 13.55 -10.51
N HIS A 253 11.93 13.47 -9.22
CA HIS A 253 10.96 13.27 -8.15
C HIS A 253 9.97 14.45 -8.10
N ASP A 254 10.49 15.70 -8.11
CA ASP A 254 9.68 16.92 -7.99
C ASP A 254 8.74 17.17 -9.15
N LEU A 255 8.88 16.46 -10.26
CA LEU A 255 7.95 16.59 -11.39
C LEU A 255 6.58 16.01 -11.03
N TYR A 256 6.53 15.04 -10.09
CA TYR A 256 5.32 14.30 -9.70
C TYR A 256 4.94 14.39 -8.24
N CYS A 257 5.79 14.99 -7.39
CA CYS A 257 5.51 14.99 -5.96
C CYS A 257 6.00 16.26 -5.27
N GLN A 258 5.10 16.85 -4.48
CA GLN A 258 5.39 18.06 -3.68
C GLN A 258 5.38 17.79 -2.16
N VAL A 259 5.16 16.55 -1.75
CA VAL A 259 5.06 16.16 -0.36
C VAL A 259 6.42 15.85 0.26
N HIS A 260 7.34 15.28 -0.53
CA HIS A 260 8.68 14.95 -0.04
C HIS A 260 9.66 16.04 -0.44
N GLY A 261 10.24 16.68 0.55
CA GLY A 261 11.23 17.72 0.30
C GLY A 261 12.63 17.17 0.37
N ASN A 262 13.62 18.04 0.13
CA ASN A 262 15.00 17.60 0.24
C ASN A 262 15.67 18.31 1.39
N ALA A 263 15.52 17.76 2.60
CA ALA A 263 16.16 18.37 3.77
C ALA A 263 17.67 18.12 3.83
N HIS A 264 18.27 17.72 2.68
CA HIS A 264 19.69 17.48 2.46
C HIS A 264 20.32 16.40 3.40
N VAL A 265 19.58 15.32 3.67
CA VAL A 265 20.06 14.14 4.40
C VAL A 265 19.78 12.88 3.56
N ALA A 266 20.53 11.81 3.81
CA ALA A 266 20.41 10.56 3.08
C ALA A 266 19.01 9.94 3.08
N SER A 267 18.27 9.99 4.19
CA SER A 267 16.91 9.43 4.25
C SER A 267 15.96 10.19 3.35
N CYS A 268 16.19 11.51 3.14
CA CYS A 268 15.35 12.29 2.23
C CYS A 268 15.51 11.78 0.80
N ASP A 269 16.74 11.47 0.40
CA ASP A 269 17.00 10.92 -0.95
C ASP A 269 16.40 9.53 -1.07
N ALA A 270 16.52 8.69 -0.02
CA ALA A 270 15.97 7.34 0.05
C ALA A 270 14.45 7.34 -0.13
N ILE A 271 13.77 8.29 0.52
CA ILE A 271 12.33 8.45 0.41
C ILE A 271 11.94 8.88 -1.01
N MET A 272 12.66 9.88 -1.57
CA MET A 272 12.41 10.39 -2.91
C MET A 272 12.59 9.29 -3.96
N THR A 273 13.62 8.43 -3.78
CA THR A 273 13.92 7.35 -4.70
C THR A 273 12.78 6.34 -4.77
N ARG A 274 12.33 5.86 -3.59
CA ARG A 274 11.23 4.92 -3.51
C ARG A 274 9.95 5.57 -4.04
N CYS A 275 9.72 6.87 -3.74
CA CYS A 275 8.53 7.59 -4.24
C CYS A 275 8.53 7.61 -5.75
N LEU A 276 9.69 7.96 -6.36
CA LEU A 276 9.82 8.01 -7.80
C LEU A 276 9.58 6.65 -8.42
N ALA A 277 10.16 5.59 -7.82
CA ALA A 277 9.99 4.22 -8.26
C ALA A 277 8.48 3.80 -8.25
N VAL A 278 7.73 4.18 -7.18
CA VAL A 278 6.29 3.93 -7.03
C VAL A 278 5.50 4.71 -8.09
N HIS A 279 5.91 5.95 -8.40
CA HIS A 279 5.26 6.73 -9.46
C HIS A 279 5.39 6.04 -10.81
N GLU A 280 6.58 5.52 -11.12
CA GLU A 280 6.82 4.89 -12.41
C GLU A 280 6.12 3.56 -12.56
N CYS A 281 6.02 2.81 -11.48
CA CYS A 281 5.50 1.46 -11.53
C CYS A 281 4.03 1.33 -11.18
N PHE A 282 3.41 2.36 -10.55
CA PHE A 282 2.03 2.26 -10.08
C PHE A 282 1.15 3.46 -10.41
N VAL A 283 1.76 4.58 -10.82
CA VAL A 283 0.96 5.76 -11.16
C VAL A 283 0.88 5.90 -12.70
N LYS A 284 2.01 6.18 -13.38
CA LYS A 284 2.05 6.30 -14.83
C LYS A 284 1.95 4.94 -15.56
N ARG A 285 2.20 3.84 -14.83
CA ARG A 285 2.07 2.49 -15.36
C ARG A 285 1.15 1.77 -14.39
N VAL A 286 0.06 1.16 -14.87
CA VAL A 286 -0.85 0.44 -13.97
C VAL A 286 -1.03 -0.99 -14.45
N ASP A 287 -0.80 -1.96 -13.57
CA ASP A 287 -1.02 -3.36 -13.91
C ASP A 287 -1.91 -4.01 -12.87
N TRP A 288 -3.19 -4.23 -13.21
CA TRP A 288 -4.12 -4.88 -12.27
C TRP A 288 -4.18 -6.42 -12.44
N THR A 289 -3.29 -7.01 -13.23
CA THR A 289 -3.24 -8.47 -13.37
C THR A 289 -2.37 -9.12 -12.28
N ILE A 290 -1.35 -8.40 -11.82
CA ILE A 290 -0.44 -8.85 -10.78
C ILE A 290 -1.17 -9.10 -9.48
N GLU A 291 -1.04 -10.32 -8.98
CA GLU A 291 -1.64 -10.81 -7.75
C GLU A 291 -0.62 -10.74 -6.63
N TYR A 292 -1.04 -10.33 -5.44
CA TYR A 292 -0.16 -10.21 -4.29
C TYR A 292 -0.62 -11.18 -3.19
N PRO A 293 0.34 -11.81 -2.47
CA PRO A 293 -0.06 -12.75 -1.42
C PRO A 293 -0.93 -12.13 -0.32
N ILE A 294 -1.67 -12.99 0.41
CA ILE A 294 -2.50 -12.60 1.53
C ILE A 294 -1.58 -12.44 2.75
N ILE A 295 -1.57 -11.25 3.37
CA ILE A 295 -0.70 -11.01 4.52
C ILE A 295 -1.43 -10.55 5.78
N GLY A 296 -2.74 -10.34 5.68
CA GLY A 296 -3.55 -9.88 6.79
C GLY A 296 -5.01 -10.20 6.60
N ASP A 297 -5.86 -9.20 6.84
CA ASP A 297 -7.31 -9.34 6.80
C ASP A 297 -7.96 -9.11 5.45
N GLU A 298 -7.22 -9.25 4.34
CA GLU A 298 -7.76 -9.05 2.98
C GLU A 298 -9.17 -9.64 2.75
N LEU A 299 -9.37 -10.95 2.94
CA LEU A 299 -10.66 -11.57 2.66
C LEU A 299 -11.81 -11.00 3.51
N LYS A 300 -11.53 -10.75 4.80
CA LYS A 300 -12.53 -10.20 5.71
C LYS A 300 -12.88 -8.78 5.34
N ILE A 301 -11.88 -7.97 4.98
CA ILE A 301 -12.10 -6.58 4.56
C ILE A 301 -12.94 -6.56 3.27
N ASN A 302 -12.60 -7.41 2.30
CA ASN A 302 -13.30 -7.44 1.03
C ASN A 302 -14.75 -7.92 1.19
N ALA A 303 -14.99 -8.87 2.09
CA ALA A 303 -16.33 -9.37 2.37
C ALA A 303 -17.16 -8.30 3.08
N ALA A 304 -16.52 -7.57 4.00
CA ALA A 304 -17.12 -6.49 4.78
C ALA A 304 -17.52 -5.35 3.87
N CYS A 305 -16.68 -5.01 2.89
CA CYS A 305 -16.95 -3.97 1.90
C CYS A 305 -18.22 -4.29 1.13
N ARG A 306 -18.37 -5.56 0.68
CA ARG A 306 -19.57 -5.99 -0.05
C ARG A 306 -20.83 -5.97 0.83
N LYS A 307 -20.68 -6.29 2.13
CA LYS A 307 -21.81 -6.29 3.05
C LYS A 307 -22.26 -4.87 3.34
N VAL A 308 -21.31 -3.97 3.63
CA VAL A 308 -21.58 -2.58 3.93
C VAL A 308 -22.20 -1.89 2.71
N GLN A 309 -21.65 -2.14 1.51
CA GLN A 309 -22.21 -1.55 0.29
C GLN A 309 -23.68 -1.90 0.09
N HIS A 310 -24.02 -3.19 0.18
CA HIS A 310 -25.40 -3.65 0.03
C HIS A 310 -26.32 -3.00 1.08
N MET A 311 -25.91 -2.99 2.34
CA MET A 311 -26.67 -2.44 3.44
C MET A 311 -26.98 -0.96 3.23
N VAL A 312 -25.94 -0.17 2.93
CA VAL A 312 -26.07 1.26 2.83
C VAL A 312 -26.91 1.70 1.64
N VAL A 313 -26.68 1.09 0.50
CA VAL A 313 -27.41 1.42 -0.70
C VAL A 313 -28.84 0.97 -0.59
N LYS A 314 -29.07 -0.26 -0.08
CA LYS A 314 -30.43 -0.76 0.12
C LYS A 314 -31.25 0.18 1.03
N ALA A 315 -30.63 0.70 2.10
CA ALA A 315 -31.31 1.58 3.03
C ALA A 315 -31.55 2.96 2.44
N ALA A 316 -30.61 3.48 1.64
CA ALA A 316 -30.81 4.77 0.99
C ALA A 316 -31.99 4.69 0.00
N LEU A 317 -32.10 3.59 -0.75
CA LEU A 317 -33.21 3.41 -1.67
C LEU A 317 -34.53 3.27 -0.94
N LEU A 318 -34.56 2.62 0.23
CA LEU A 318 -35.80 2.46 1.00
C LEU A 318 -36.21 3.75 1.67
N ALA A 319 -35.23 4.52 2.18
CA ALA A 319 -35.53 5.74 2.93
C ALA A 319 -35.94 6.91 2.07
N ASP A 320 -35.33 7.05 0.87
CA ASP A 320 -35.64 8.17 0.00
C ASP A 320 -36.26 7.82 -1.33
N LYS A 321 -36.43 6.53 -1.63
CA LYS A 321 -37.09 6.05 -2.85
C LYS A 321 -36.69 6.78 -4.14
N PHE A 322 -35.38 6.84 -4.43
CA PHE A 322 -34.91 7.48 -5.64
C PHE A 322 -35.37 6.67 -6.85
N PRO A 323 -35.88 7.33 -7.90
CA PRO A 323 -36.32 6.55 -9.09
C PRO A 323 -35.16 6.03 -9.95
N VAL A 324 -33.96 6.64 -9.81
CA VAL A 324 -32.81 6.24 -10.60
C VAL A 324 -31.50 6.29 -9.78
N LEU A 325 -30.61 5.34 -10.01
CA LEU A 325 -29.31 5.29 -9.35
C LEU A 325 -28.21 5.27 -10.43
N HIS A 326 -27.30 6.25 -10.38
CA HIS A 326 -26.15 6.36 -11.28
C HIS A 326 -24.95 5.75 -10.58
N ASP A 327 -24.53 4.56 -11.03
CA ASP A 327 -23.43 3.81 -10.45
C ASP A 327 -22.16 4.17 -11.21
N ILE A 328 -21.29 5.00 -10.60
CA ILE A 328 -20.08 5.47 -11.25
C ILE A 328 -18.83 4.81 -10.70
N GLY A 329 -18.09 4.13 -11.56
CA GLY A 329 -16.88 3.46 -11.12
C GLY A 329 -16.57 2.21 -11.90
N ASN A 330 -16.07 1.17 -11.22
CA ASN A 330 -15.65 -0.07 -11.86
C ASN A 330 -16.47 -0.54 -13.07
N PRO A 331 -15.85 -0.70 -14.26
CA PRO A 331 -16.61 -1.20 -15.42
C PRO A 331 -17.14 -2.63 -15.26
N LYS A 332 -16.62 -3.37 -14.29
CA LYS A 332 -17.08 -4.73 -14.02
C LYS A 332 -18.06 -4.80 -12.85
N ALA A 333 -18.58 -3.65 -12.36
CA ALA A 333 -19.52 -3.62 -11.24
C ALA A 333 -20.84 -4.29 -11.55
N ILE A 334 -21.35 -4.93 -10.53
CA ILE A 334 -22.61 -5.66 -10.51
C ILE A 334 -23.55 -4.89 -9.57
N LYS A 335 -24.89 -4.94 -9.80
CA LYS A 335 -25.88 -4.28 -8.92
C LYS A 335 -25.72 -4.79 -7.49
N CYS A 336 -25.36 -3.91 -6.54
CA CYS A 336 -25.14 -4.32 -5.16
C CYS A 336 -26.44 -4.62 -4.39
N VAL A 337 -27.60 -4.13 -4.89
CA VAL A 337 -28.94 -4.41 -4.32
C VAL A 337 -29.80 -4.91 -5.50
N PRO A 338 -29.58 -6.18 -5.93
CA PRO A 338 -30.28 -6.69 -7.13
C PRO A 338 -31.81 -6.75 -7.07
N GLN A 339 -32.39 -6.74 -5.87
CA GLN A 339 -33.84 -6.78 -5.75
C GLN A 339 -34.48 -5.39 -5.72
N ALA A 340 -33.69 -4.29 -5.64
CA ALA A 340 -34.24 -2.94 -5.58
C ALA A 340 -35.05 -2.54 -6.82
N ASP A 341 -36.10 -1.72 -6.61
CA ASP A 341 -37.00 -1.30 -7.67
C ASP A 341 -36.37 -0.39 -8.72
N VAL A 342 -35.52 0.52 -8.26
CA VAL A 342 -34.78 1.57 -8.96
C VAL A 342 -34.22 1.23 -10.38
N GLU A 343 -34.17 2.26 -11.23
CA GLU A 343 -33.56 2.16 -12.55
C GLU A 343 -32.04 2.25 -12.30
N TRP A 344 -31.30 1.16 -12.53
CA TRP A 344 -29.85 1.11 -12.30
C TRP A 344 -29.09 1.41 -13.58
N LYS A 345 -28.28 2.47 -13.58
CA LYS A 345 -27.52 2.88 -14.76
C LYS A 345 -26.04 2.95 -14.39
N PHE A 346 -25.20 2.20 -15.11
CA PHE A 346 -23.75 2.10 -14.91
C PHE A 346 -22.93 3.04 -15.79
N TYR A 347 -21.83 3.60 -15.24
CA TYR A 347 -20.91 4.49 -15.93
C TYR A 347 -19.52 3.96 -15.61
N ASP A 348 -18.71 3.69 -16.63
CA ASP A 348 -17.39 3.10 -16.47
C ASP A 348 -16.32 4.11 -16.16
N ALA A 349 -15.59 3.85 -15.09
CA ALA A 349 -14.44 4.62 -14.73
C ALA A 349 -13.50 3.72 -13.95
N GLN A 350 -12.31 3.50 -14.48
CA GLN A 350 -11.28 2.72 -13.80
C GLN A 350 -10.78 3.50 -12.58
N PRO A 351 -10.18 2.83 -11.57
CA PRO A 351 -9.69 3.58 -10.40
C PRO A 351 -8.64 4.60 -10.79
N CYS A 352 -8.77 5.85 -10.35
CA CYS A 352 -7.77 6.87 -10.68
C CYS A 352 -6.59 6.67 -9.76
N SER A 353 -5.41 6.53 -10.34
CA SER A 353 -4.19 6.32 -9.57
C SER A 353 -3.30 7.56 -9.45
N ASP A 354 -3.53 8.58 -10.30
CA ASP A 354 -2.73 9.79 -10.28
C ASP A 354 -3.44 10.85 -9.44
N LYS A 355 -4.27 11.70 -10.05
CA LYS A 355 -5.09 12.71 -9.38
C LYS A 355 -6.53 12.21 -9.38
N ALA A 356 -7.34 12.70 -8.43
CA ALA A 356 -8.76 12.34 -8.39
C ALA A 356 -9.48 12.84 -9.63
N TYR A 357 -10.50 12.11 -10.10
CA TYR A 357 -11.29 12.53 -11.26
C TYR A 357 -11.96 13.88 -11.03
N LYS A 358 -12.07 14.70 -12.06
CA LYS A 358 -12.78 15.96 -11.95
C LYS A 358 -14.23 15.60 -12.25
N ILE A 359 -15.16 15.98 -11.36
CA ILE A 359 -16.58 15.68 -11.55
C ILE A 359 -17.11 16.28 -12.89
N GLU A 360 -16.50 17.38 -13.34
CA GLU A 360 -16.85 18.05 -14.60
C GLU A 360 -16.56 17.13 -15.78
N GLU A 361 -15.43 16.40 -15.76
CA GLU A 361 -15.10 15.51 -16.87
C GLU A 361 -15.92 14.22 -16.81
N LEU A 362 -16.20 13.70 -15.60
CA LEU A 362 -16.99 12.48 -15.46
C LEU A 362 -18.42 12.70 -15.90
N PHE A 363 -19.01 13.84 -15.52
CA PHE A 363 -20.41 14.11 -15.79
C PHE A 363 -20.71 14.92 -17.01
N TYR A 364 -19.94 15.98 -17.26
CA TYR A 364 -20.24 16.89 -18.37
C TYR A 364 -19.56 16.45 -19.68
N SER A 365 -19.95 17.09 -20.78
CA SER A 365 -19.55 16.85 -22.18
C SER A 365 -20.64 16.02 -22.92
N TYR A 366 -21.92 16.24 -22.53
CA TYR A 366 -23.14 15.62 -23.06
C TYR A 366 -23.13 14.11 -23.01
N HIS A 369 -26.63 7.31 -20.85
CA HIS A 369 -26.63 8.16 -19.68
C HIS A 369 -27.96 8.84 -19.53
N SER A 370 -28.45 8.95 -18.28
CA SER A 370 -29.66 9.73 -18.05
C SER A 370 -29.40 11.23 -18.39
N ASP A 371 -28.09 11.65 -18.48
CA ASP A 371 -27.55 12.99 -18.71
C ASP A 371 -27.80 13.90 -17.48
N LYS A 372 -28.90 13.65 -16.77
CA LYS A 372 -29.28 14.34 -15.55
C LYS A 372 -28.83 13.51 -14.33
N PHE A 373 -27.54 13.65 -13.95
CA PHE A 373 -27.01 13.00 -12.75
C PHE A 373 -27.65 13.58 -11.47
N THR A 374 -28.20 14.81 -11.56
CA THR A 374 -28.95 15.53 -10.53
C THR A 374 -30.25 14.77 -10.16
N ASP A 375 -30.78 13.93 -11.07
CA ASP A 375 -31.94 13.11 -10.80
C ASP A 375 -31.49 11.89 -9.98
N GLY A 376 -32.32 11.46 -9.04
CA GLY A 376 -32.02 10.31 -8.20
C GLY A 376 -30.75 10.41 -7.37
N VAL A 377 -30.00 9.31 -7.28
CA VAL A 377 -28.81 9.27 -6.45
C VAL A 377 -27.59 8.76 -7.23
N CYS A 378 -26.39 9.22 -6.85
CA CYS A 378 -25.13 8.82 -7.45
C CYS A 378 -24.39 7.96 -6.47
N LEU A 379 -23.87 6.82 -6.94
CA LEU A 379 -23.12 5.90 -6.09
C LEU A 379 -21.68 5.93 -6.54
N PHE A 380 -20.76 6.38 -5.66
CA PHE A 380 -19.33 6.43 -5.95
C PHE A 380 -18.62 5.49 -4.98
N TRP A 381 -18.56 4.20 -5.31
CA TRP A 381 -17.93 3.23 -4.42
C TRP A 381 -16.50 3.02 -4.86
N ASN A 382 -15.59 3.68 -4.15
CA ASN A 382 -14.16 3.75 -4.44
C ASN A 382 -13.88 4.41 -5.77
N CYS A 383 -14.69 5.43 -6.14
CA CYS A 383 -14.47 6.20 -7.37
C CYS A 383 -14.06 7.61 -6.90
N ASN A 384 -12.75 7.85 -6.78
CA ASN A 384 -12.23 9.09 -6.20
C ASN A 384 -12.40 10.31 -7.08
N VAL A 385 -13.29 11.23 -6.68
CA VAL A 385 -13.54 12.43 -7.44
C VAL A 385 -13.15 13.66 -6.58
N ASP A 386 -12.86 14.79 -7.25
CA ASP A 386 -12.45 16.01 -6.55
C ASP A 386 -13.56 16.62 -5.63
N ARG A 387 -14.83 16.51 -6.03
CA ARG A 387 -15.93 17.09 -5.29
C ARG A 387 -17.19 16.35 -5.65
N TYR A 388 -17.69 15.60 -4.69
CA TYR A 388 -18.87 14.79 -4.90
C TYR A 388 -20.12 15.65 -4.96
N PRO A 389 -21.06 15.30 -5.86
CA PRO A 389 -22.33 16.04 -5.89
C PRO A 389 -23.13 15.77 -4.59
N ALA A 390 -24.06 16.68 -4.23
CA ALA A 390 -24.86 16.54 -3.01
C ALA A 390 -25.70 15.27 -2.97
N ASN A 391 -26.23 14.78 -4.13
CA ASN A 391 -27.04 13.54 -4.12
C ASN A 391 -26.18 12.26 -4.23
N SER A 392 -25.21 12.07 -3.32
CA SER A 392 -24.29 10.95 -3.41
C SER A 392 -24.21 10.04 -2.20
N ILE A 393 -23.79 8.78 -2.45
CA ILE A 393 -23.47 7.69 -1.52
C ILE A 393 -22.03 7.39 -1.89
N VAL A 394 -21.10 7.61 -0.95
CA VAL A 394 -19.68 7.50 -1.26
C VAL A 394 -18.88 6.64 -0.30
N CYS A 395 -17.99 5.82 -0.85
CA CYS A 395 -17.00 5.09 -0.08
C CYS A 395 -15.64 5.59 -0.65
N ARG A 396 -14.84 6.27 0.18
CA ARG A 396 -13.55 6.79 -0.24
C ARG A 396 -12.44 6.32 0.72
N PHE A 397 -11.43 5.63 0.17
CA PHE A 397 -10.28 5.14 0.91
C PHE A 397 -9.45 6.31 1.47
N ASP A 398 -9.16 6.29 2.77
CA ASP A 398 -8.36 7.31 3.43
C ASP A 398 -6.90 6.89 3.35
N THR A 399 -6.13 7.56 2.52
CA THR A 399 -4.73 7.23 2.28
C THR A 399 -3.85 7.36 3.51
N ARG A 400 -4.26 8.17 4.51
CA ARG A 400 -3.47 8.38 5.72
C ARG A 400 -3.45 7.19 6.66
N VAL A 401 -4.32 6.19 6.45
CA VAL A 401 -4.45 5.06 7.35
C VAL A 401 -3.18 4.22 7.46
N LEU A 402 -2.78 3.87 8.71
CA LEU A 402 -1.62 3.02 8.96
C LEU A 402 -2.05 1.57 8.99
N SER A 403 -1.49 0.74 8.10
CA SER A 403 -1.75 -0.70 8.08
C SER A 403 -0.73 -1.46 7.22
N ASN A 404 -0.71 -2.79 7.32
CA ASN A 404 0.17 -3.64 6.52
C ASN A 404 -0.27 -3.72 5.06
N LEU A 405 -1.52 -3.32 4.74
CA LEU A 405 -1.99 -3.30 3.36
C LEU A 405 -1.66 -1.98 2.66
N ASN A 406 -1.60 -0.90 3.41
CA ASN A 406 -1.37 0.44 2.89
C ASN A 406 0.10 0.87 3.01
N LEU A 407 0.78 0.98 1.88
CA LEU A 407 2.17 1.40 1.84
C LEU A 407 2.23 2.89 1.44
N PRO A 408 3.26 3.62 1.90
CA PRO A 408 3.41 5.04 1.49
C PRO A 408 3.51 5.21 -0.03
N GLY A 409 2.88 6.25 -0.54
CA GLY A 409 2.84 6.51 -1.96
C GLY A 409 3.42 7.83 -2.41
N CYS A 410 2.98 8.25 -3.61
N CYS A 410 2.97 8.27 -3.60
CA CYS A 410 3.46 9.43 -4.32
CA CYS A 410 3.43 9.49 -4.25
C CYS A 410 2.53 10.64 -4.18
C CYS A 410 2.51 10.65 -4.07
N ASP A 411 3.10 11.85 -3.89
CA ASP A 411 2.35 13.09 -3.75
C ASP A 411 1.18 13.03 -2.73
N GLY A 412 1.45 12.41 -1.57
CA GLY A 412 0.44 12.26 -0.54
C GLY A 412 -0.47 11.06 -0.73
N GLY A 413 -0.47 10.47 -1.93
CA GLY A 413 -1.26 9.29 -2.21
C GLY A 413 -0.67 8.08 -1.52
N SER A 414 -1.37 6.95 -1.57
CA SER A 414 -0.87 5.72 -0.95
C SER A 414 -1.07 4.53 -1.85
N LEU A 415 -0.26 3.48 -1.66
CA LEU A 415 -0.36 2.28 -2.45
C LEU A 415 -1.09 1.24 -1.67
N TYR A 416 -2.37 0.99 -1.99
CA TYR A 416 -3.18 0.04 -1.21
C TYR A 416 -3.06 -1.31 -1.88
N VAL A 417 -2.50 -2.29 -1.14
CA VAL A 417 -2.25 -3.59 -1.73
C VAL A 417 -3.09 -4.68 -1.08
N ASN A 418 -4.19 -5.03 -1.71
CA ASN A 418 -5.12 -6.04 -1.23
C ASN A 418 -5.49 -6.81 -2.48
N LYS A 419 -4.87 -7.98 -2.68
CA LYS A 419 -4.97 -8.84 -3.84
C LYS A 419 -4.28 -8.19 -5.04
N HIS A 420 -4.65 -6.95 -5.38
CA HIS A 420 -4.03 -6.17 -6.44
C HIS A 420 -3.44 -4.87 -5.85
N ALA A 421 -2.56 -4.20 -6.60
CA ALA A 421 -1.96 -2.95 -6.13
C ALA A 421 -2.73 -1.75 -6.71
N PHE A 422 -3.14 -0.83 -5.86
CA PHE A 422 -3.91 0.34 -6.27
C PHE A 422 -3.34 1.61 -5.67
N HIS A 423 -2.65 2.43 -6.48
CA HIS A 423 -2.16 3.71 -5.99
C HIS A 423 -3.39 4.61 -5.95
N THR A 424 -3.63 5.28 -4.79
CA THR A 424 -4.83 6.08 -4.53
C THR A 424 -4.41 7.50 -4.29
N PRO A 425 -5.07 8.47 -4.97
CA PRO A 425 -4.72 9.88 -4.74
C PRO A 425 -4.98 10.31 -3.30
N ALA A 426 -4.21 11.28 -2.80
CA ALA A 426 -4.36 11.77 -1.43
C ALA A 426 -5.77 12.10 -1.02
N PHE A 427 -6.15 11.61 0.19
CA PHE A 427 -7.44 11.89 0.80
C PHE A 427 -7.56 13.41 1.02
N ASP A 428 -8.72 13.95 0.70
CA ASP A 428 -8.95 15.38 0.78
C ASP A 428 -10.36 15.58 1.32
N LYS A 429 -10.45 16.13 2.55
CA LYS A 429 -11.71 16.39 3.24
C LYS A 429 -12.65 17.31 2.47
N SER A 430 -12.11 18.23 1.65
CA SER A 430 -12.94 19.13 0.86
C SER A 430 -13.73 18.43 -0.26
N ALA A 431 -13.38 17.17 -0.62
CA ALA A 431 -14.17 16.44 -1.63
C ALA A 431 -15.60 16.17 -1.13
N PHE A 432 -15.79 16.15 0.20
CA PHE A 432 -17.03 15.81 0.88
C PHE A 432 -17.85 17.00 1.39
N VAL A 433 -17.58 18.24 0.96
CA VAL A 433 -18.31 19.42 1.42
C VAL A 433 -19.82 19.37 1.22
N ASN A 434 -20.32 18.74 0.13
CA ASN A 434 -21.78 18.65 -0.08
C ASN A 434 -22.44 17.49 0.67
N LEU A 435 -21.66 16.66 1.35
CA LEU A 435 -22.18 15.49 2.03
C LEU A 435 -21.90 15.54 3.57
N LYS A 436 -22.37 14.52 4.28
CA LYS A 436 -22.04 14.35 5.69
C LYS A 436 -21.48 12.92 5.88
N GLN A 437 -20.86 12.66 7.02
CA GLN A 437 -20.38 11.33 7.36
C GLN A 437 -21.60 10.40 7.53
N LEU A 438 -21.50 9.18 7.01
CA LEU A 438 -22.57 8.21 7.13
C LEU A 438 -22.43 7.54 8.50
N PRO A 439 -23.46 7.67 9.37
CA PRO A 439 -23.37 7.00 10.66
C PRO A 439 -23.57 5.49 10.55
N PHE A 440 -23.10 4.76 11.56
CA PHE A 440 -23.33 3.32 11.61
C PHE A 440 -24.81 3.06 11.87
N PHE A 441 -25.34 2.02 11.24
CA PHE A 441 -26.69 1.48 11.45
C PHE A 441 -26.72 0.08 10.85
N TYR A 442 -27.64 -0.75 11.35
CA TYR A 442 -27.86 -2.07 10.80
C TYR A 442 -29.33 -2.12 10.46
N TYR A 443 -29.70 -2.53 9.27
CA TYR A 443 -31.10 -2.61 8.87
C TYR A 443 -31.38 -4.02 8.36
N SER A 444 -32.54 -4.56 8.73
CA SER A 444 -32.97 -5.84 8.21
C SER A 444 -34.48 -5.96 8.25
N ASP A 445 -35.03 -6.43 7.13
CA ASP A 445 -36.44 -6.76 7.00
C ASP A 445 -36.64 -8.31 6.96
N SER A 446 -35.58 -9.10 7.22
CA SER A 446 -35.66 -10.55 7.22
C SER A 446 -36.53 -11.03 8.41
N PRO A 447 -37.24 -12.16 8.27
CA PRO A 447 -38.08 -12.61 9.39
C PRO A 447 -37.28 -12.89 10.66
N CYS A 448 -37.92 -12.66 11.81
CA CYS A 448 -37.31 -12.93 13.10
C CYS A 448 -37.46 -14.44 13.30
N GLU A 449 -36.40 -15.19 13.08
CA GLU A 449 -36.39 -16.64 13.20
C GLU A 449 -34.96 -17.11 13.36
N SER A 450 -34.67 -17.72 14.54
CA SER A 450 -33.35 -18.19 14.94
C SER A 450 -32.69 -19.19 13.96
N HIS A 451 -33.27 -20.40 13.77
CA HIS A 451 -32.75 -21.42 12.86
C HIS A 451 -31.30 -21.86 13.14
N GLY A 452 -31.14 -23.11 13.54
CA GLY A 452 -29.85 -23.70 13.84
C GLY A 452 -29.56 -23.79 15.33
N ILE A 459 -22.28 -20.25 19.66
CA ILE A 459 -22.86 -18.90 19.59
C ILE A 459 -23.82 -18.65 20.76
N ASP A 460 -23.28 -18.29 21.95
CA ASP A 460 -24.15 -18.04 23.10
C ASP A 460 -24.74 -16.60 23.08
N TYR A 461 -25.72 -16.31 23.95
CA TYR A 461 -26.47 -15.05 23.90
C TYR A 461 -26.49 -14.18 25.18
N VAL A 462 -26.45 -12.85 24.95
CA VAL A 462 -26.62 -11.75 25.90
C VAL A 462 -27.55 -10.80 25.16
N PRO A 463 -28.69 -10.43 25.73
CA PRO A 463 -29.66 -9.59 24.99
C PRO A 463 -29.10 -8.28 24.43
N LEU A 464 -29.45 -7.98 23.16
CA LEU A 464 -28.97 -6.75 22.54
C LEU A 464 -29.94 -5.60 22.74
N LYS A 465 -29.41 -4.46 23.13
CA LYS A 465 -30.13 -3.20 23.23
C LYS A 465 -29.33 -2.18 22.41
N SER A 466 -29.95 -1.65 21.35
CA SER A 466 -29.27 -0.66 20.51
C SER A 466 -30.26 0.17 19.77
N ALA A 467 -30.06 1.49 19.78
CA ALA A 467 -30.90 2.39 19.00
C ALA A 467 -30.64 2.25 17.47
N THR A 468 -29.51 1.62 17.06
CA THR A 468 -29.17 1.50 15.65
C THR A 468 -29.46 0.10 15.05
N CYS A 469 -30.22 -0.77 15.74
CA CYS A 469 -30.61 -2.08 15.21
C CYS A 469 -31.99 -1.85 14.60
N ILE A 470 -32.05 -1.43 13.34
CA ILE A 470 -33.31 -1.08 12.69
C ILE A 470 -34.03 -2.33 12.15
N THR A 471 -34.83 -2.95 13.03
CA THR A 471 -35.58 -4.17 12.73
C THR A 471 -37.00 -4.12 13.30
N ARG A 472 -37.93 -4.97 12.80
CA ARG A 472 -39.31 -5.07 13.29
C ARG A 472 -39.33 -5.41 14.77
N CYS A 473 -38.39 -6.28 15.21
CA CYS A 473 -38.32 -6.70 16.60
C CYS A 473 -37.89 -5.57 17.52
N ASN A 474 -36.95 -4.72 17.09
CA ASN A 474 -36.55 -3.56 17.90
C ASN A 474 -37.67 -2.49 17.88
N LEU A 475 -38.39 -2.36 16.76
CA LEU A 475 -39.55 -1.47 16.64
C LEU A 475 -40.62 -1.94 17.68
N GLY A 476 -40.80 -3.26 17.76
CA GLY A 476 -41.70 -3.90 18.72
C GLY A 476 -41.17 -4.01 20.14
N GLY A 477 -40.06 -3.35 20.44
CA GLY A 477 -39.50 -3.29 21.79
C GLY A 477 -38.48 -4.31 22.26
N ALA A 478 -38.16 -5.33 21.46
CA ALA A 478 -37.20 -6.37 21.90
C ALA A 478 -36.49 -7.07 20.74
N VAL A 479 -35.19 -6.78 20.56
CA VAL A 479 -34.41 -7.44 19.51
C VAL A 479 -34.40 -8.98 19.67
N CYS A 480 -34.78 -9.70 18.61
CA CYS A 480 -34.78 -11.16 18.61
C CYS A 480 -33.32 -11.69 18.50
N ARG A 481 -33.10 -12.98 18.82
CA ARG A 481 -31.79 -13.60 18.77
C ARG A 481 -31.13 -13.51 17.39
N HIS A 482 -31.88 -13.87 16.33
CA HIS A 482 -31.38 -13.80 14.97
C HIS A 482 -30.84 -12.40 14.59
N HIS A 483 -31.65 -11.35 14.83
CA HIS A 483 -31.24 -10.01 14.46
C HIS A 483 -30.11 -9.47 15.35
N ALA A 484 -29.98 -9.96 16.58
CA ALA A 484 -28.88 -9.57 17.46
C ALA A 484 -27.57 -10.21 16.98
N ASN A 485 -27.62 -11.47 16.50
CA ASN A 485 -26.43 -12.17 15.98
C ASN A 485 -25.99 -11.49 14.69
N GLU A 486 -26.96 -11.21 13.80
CA GLU A 486 -26.74 -10.54 12.53
C GLU A 486 -26.24 -9.13 12.72
N TYR A 487 -26.72 -8.43 13.76
CA TYR A 487 -26.30 -7.06 14.06
C TYR A 487 -24.84 -7.10 14.47
N ARG A 488 -24.47 -8.02 15.37
CA ARG A 488 -23.10 -8.10 15.87
C ARG A 488 -22.11 -8.51 14.80
N LEU A 489 -22.53 -9.38 13.88
CA LEU A 489 -21.70 -9.77 12.76
C LEU A 489 -21.48 -8.59 11.84
N TYR A 490 -22.56 -7.81 11.58
CA TYR A 490 -22.49 -6.63 10.73
C TYR A 490 -21.65 -5.52 11.33
N LEU A 491 -21.79 -5.28 12.63
CA LEU A 491 -20.99 -4.27 13.32
C LEU A 491 -19.49 -4.65 13.22
N ASP A 492 -19.17 -5.95 13.32
CA ASP A 492 -17.78 -6.42 13.20
C ASP A 492 -17.25 -6.19 11.80
N ALA A 493 -18.04 -6.51 10.75
CA ALA A 493 -17.65 -6.30 9.36
C ALA A 493 -17.43 -4.79 9.12
N TYR A 494 -18.37 -3.97 9.57
CA TYR A 494 -18.29 -2.54 9.47
C TYR A 494 -16.99 -1.97 10.10
N ASN A 495 -16.66 -2.39 11.34
CA ASN A 495 -15.48 -1.90 12.05
C ASN A 495 -14.18 -2.29 11.35
N MET A 496 -14.17 -3.46 10.73
CA MET A 496 -13.06 -4.01 9.99
C MET A 496 -12.80 -3.12 8.76
N MET A 497 -13.86 -2.75 8.04
CA MET A 497 -13.77 -1.93 6.86
C MET A 497 -13.29 -0.51 7.20
N ILE A 498 -13.76 0.05 8.29
CA ILE A 498 -13.38 1.40 8.73
C ILE A 498 -11.91 1.45 9.13
N SER A 499 -11.49 0.49 9.94
CA SER A 499 -10.12 0.38 10.41
C SER A 499 -9.14 0.10 9.28
N ALA A 500 -9.59 -0.57 8.20
CA ALA A 500 -8.80 -0.78 7.00
C ALA A 500 -8.50 0.54 6.25
N GLY A 501 -9.24 1.61 6.54
CA GLY A 501 -9.03 2.91 5.93
C GLY A 501 -10.21 3.47 5.16
N PHE A 502 -11.27 2.69 4.95
CA PHE A 502 -12.42 3.17 4.21
C PHE A 502 -13.28 4.15 4.99
N SER A 503 -13.80 5.18 4.32
CA SER A 503 -14.69 6.17 4.96
C SER A 503 -15.97 6.26 4.13
N LEU A 504 -17.09 6.41 4.79
CA LEU A 504 -18.42 6.46 4.17
C LEU A 504 -19.07 7.81 4.34
N TRP A 505 -19.64 8.32 3.26
CA TRP A 505 -20.28 9.63 3.22
C TRP A 505 -21.63 9.53 2.49
N VAL A 506 -22.58 10.40 2.84
CA VAL A 506 -23.92 10.32 2.26
C VAL A 506 -24.57 11.71 2.11
N TYR A 507 -25.60 11.80 1.26
CA TYR A 507 -26.38 13.02 1.08
C TYR A 507 -26.97 13.49 2.46
N LYS A 508 -26.97 14.80 2.70
CA LYS A 508 -27.39 15.36 4.01
C LYS A 508 -28.81 14.98 4.47
N GLN A 509 -29.74 14.69 3.54
CA GLN A 509 -31.10 14.30 3.92
C GLN A 509 -31.22 12.85 4.40
N PHE A 510 -30.11 12.05 4.34
CA PHE A 510 -30.17 10.67 4.79
C PHE A 510 -30.49 10.60 6.28
N ASP A 511 -31.56 9.89 6.60
CA ASP A 511 -32.00 9.76 7.98
C ASP A 511 -32.54 8.36 8.16
N THR A 512 -31.95 7.60 9.09
CA THR A 512 -32.42 6.25 9.39
C THR A 512 -33.81 6.21 10.04
N TYR A 513 -34.31 7.36 10.56
CA TYR A 513 -35.66 7.43 11.11
C TYR A 513 -36.70 7.03 10.04
N ASN A 514 -36.39 7.31 8.76
CA ASN A 514 -37.23 6.97 7.63
C ASN A 514 -37.24 5.48 7.29
N LEU A 515 -36.43 4.65 7.97
CA LEU A 515 -36.42 3.21 7.73
C LEU A 515 -37.46 2.47 8.59
N TRP A 516 -37.87 3.04 9.74
CA TRP A 516 -38.84 2.39 10.62
C TRP A 516 -40.21 2.15 9.96
N ASN A 517 -40.67 3.07 9.08
CA ASN A 517 -41.96 2.90 8.41
C ASN A 517 -41.93 1.88 7.25
N THR A 518 -40.80 1.21 7.01
CA THR A 518 -40.78 0.08 6.06
C THR A 518 -41.25 -1.25 6.77
N PHE A 519 -41.74 -1.14 8.03
CA PHE A 519 -42.27 -2.20 8.87
C PHE A 519 -43.72 -1.79 9.18
N THR A 520 -44.68 -2.18 8.32
CA THR A 520 -46.09 -1.84 8.46
C THR A 520 -47.00 -3.05 8.27
ZN ZN B . 7.63 11.96 -3.23
ZN ZN C . -35.81 -9.86 14.75
ZN ZN D . 11.57 -17.71 11.06
P PO4 E . 6.38 -10.77 -1.21
O1 PO4 E . 6.54 -11.42 0.22
O2 PO4 E . 4.94 -10.08 -1.33
O3 PO4 E . 6.48 -11.93 -2.30
O4 PO4 E . 7.47 -9.61 -1.40
P PO4 F . -30.09 -10.39 7.40
O1 PO4 F . -30.69 -11.67 8.06
O2 PO4 F . -31.25 -9.41 6.88
O3 PO4 F . -29.17 -9.60 8.44
O4 PO4 F . -29.19 -10.83 6.15
C01 JGD G . -40.71 11.64 5.95
N02 JGD G . -39.72 12.64 5.57
C03 JGD G . -39.93 13.99 6.05
C04 JGD G . -38.64 12.33 4.82
C05 JGD G . -37.50 13.14 4.74
C06 JGD G . -36.44 12.79 3.95
N07 JGD G . -36.40 11.68 3.22
C08 JGD G . -37.47 10.88 3.28
C09 JGD G . -38.58 11.16 4.03
#